data_4CL3
#
_entry.id   4CL3
#
_cell.length_a   106.226
_cell.length_b   106.226
_cell.length_c   102.566
_cell.angle_alpha   90.00
_cell.angle_beta   90.00
_cell.angle_gamma   120.00
#
_symmetry.space_group_name_H-M   'P 31 2 1'
#
loop_
_entity.id
_entity.type
_entity.pdbx_description
1 polymer 'MALATE DEHYDROGENASE'
2 non-polymer 'CADMIUM ION'
3 non-polymer 'CHLORIDE ION'
4 non-polymer 'ACETATE ION'
5 non-polymer DI(HYDROXYETHYL)ETHER
6 water water
#
_entity_poly.entity_id   1
_entity_poly.type   'polypeptide(L)'
_entity_poly.pdbx_seq_one_letter_code
;MRKKISIIGAGFVGSTTAHWLAAKELGDIVLLDIVEGVPQGKALDLYEASPIEGFDVRVTGTNNYADTANSDVIVVTSGA
PRKPGMSREDLIKVNADITRACISQAAPLSPNAVIIMVNNPLDAMTYLAAEVSGFPKERVIGQAGVLDAARYRTFIAMEA
GVSVEDVQAMLMGGHGDEMVPLPRFSTISGIPVSEFIAPDRLAQIVERTRKGGGEIVNLLKTGSAYYAPAAATAQMVEAV
LKDKKRVMPVAAYLTGQYGLNDIYFGVPVILGAGGVEKILELPLNEEEMALLNASAKAVRATLDTLKSL
;
_entity_poly.pdbx_strand_id   A,D
#
# COMPACT_ATOMS: atom_id res chain seq x y z
N MET A 1 4.59 -24.29 16.08
CA MET A 1 4.51 -24.76 14.70
C MET A 1 3.80 -23.77 13.80
N ARG A 2 3.29 -24.23 12.65
CA ARG A 2 2.67 -23.35 11.69
C ARG A 2 1.37 -22.75 12.22
N LYS A 3 1.05 -21.55 11.76
CA LYS A 3 -0.25 -20.96 12.04
C LYS A 3 -1.34 -21.86 11.49
N LYS A 4 -2.52 -21.82 12.10
CA LYS A 4 -3.65 -22.60 11.63
C LYS A 4 -4.90 -21.72 11.47
N ILE A 5 -5.52 -21.80 10.29
CA ILE A 5 -6.74 -21.06 10.00
C ILE A 5 -7.85 -22.00 9.58
N SER A 6 -8.98 -21.90 10.26
CA SER A 6 -10.17 -22.66 9.90
C SER A 6 -11.18 -21.73 9.24
N ILE A 7 -11.72 -22.18 8.11
CA ILE A 7 -12.68 -21.39 7.34
C ILE A 7 -13.95 -22.22 7.27
N ILE A 8 -15.02 -21.71 7.87
CA ILE A 8 -16.29 -22.41 7.96
C ILE A 8 -17.22 -21.94 6.85
N GLY A 9 -17.61 -22.88 6.00
CA GLY A 9 -18.42 -22.55 4.84
C GLY A 9 -17.56 -22.60 3.60
N ALA A 10 -17.70 -23.67 2.83
CA ALA A 10 -16.85 -23.90 1.68
C ALA A 10 -17.44 -23.41 0.38
N GLY A 11 -18.18 -22.30 0.44
CA GLY A 11 -18.70 -21.68 -0.77
C GLY A 11 -17.63 -20.83 -1.45
N PHE A 12 -18.07 -19.96 -2.35
CA PHE A 12 -17.16 -19.14 -3.17
C PHE A 12 -16.26 -18.28 -2.28
N VAL A 13 -16.84 -17.67 -1.25
CA VAL A 13 -16.08 -16.78 -0.39
C VAL A 13 -15.07 -17.54 0.45
N GLY A 14 -15.52 -18.61 1.11
CA GLY A 14 -14.64 -19.43 1.92
C GLY A 14 -13.50 -20.03 1.12
N SER A 15 -13.82 -20.62 -0.03
CA SER A 15 -12.80 -21.28 -0.85
C SER A 15 -11.79 -20.28 -1.41
N THR A 16 -12.28 -19.13 -1.84
CA THR A 16 -11.41 -18.08 -2.39
C THR A 16 -10.51 -17.48 -1.30
N THR A 17 -11.05 -17.33 -0.07
CA THR A 17 -10.24 -16.89 1.05
C THR A 17 -9.10 -17.89 1.33
N ALA A 18 -9.43 -19.17 1.31
CA ALA A 18 -8.44 -20.23 1.49
C ALA A 18 -7.32 -20.13 0.47
N HIS A 19 -7.71 -19.87 -0.77
CA HIS A 19 -6.75 -19.72 -1.85
C HIS A 19 -5.77 -18.63 -1.48
N TRP A 20 -6.29 -17.49 -1.03
N TRP A 20 -6.32 -17.51 -1.01
CA TRP A 20 -5.41 -16.37 -0.70
CA TRP A 20 -5.46 -16.40 -0.66
C TRP A 20 -4.42 -16.62 0.43
C TRP A 20 -4.42 -16.76 0.38
N LEU A 21 -4.92 -17.20 1.52
CA LEU A 21 -4.09 -17.55 2.64
C LEU A 21 -3.01 -18.56 2.25
N ALA A 22 -3.41 -19.58 1.48
CA ALA A 22 -2.44 -20.60 1.09
C ALA A 22 -1.35 -20.07 0.16
N ALA A 23 -1.73 -19.29 -0.85
CA ALA A 23 -0.78 -18.74 -1.80
C ALA A 23 0.30 -17.96 -1.08
N LYS A 24 -0.13 -17.22 -0.06
CA LYS A 24 0.79 -16.46 0.76
C LYS A 24 1.48 -17.26 1.87
N GLU A 25 1.19 -18.57 1.93
CA GLU A 25 1.81 -19.47 2.91
CA GLU A 25 1.82 -19.44 2.91
C GLU A 25 1.59 -18.98 4.35
N LEU A 26 0.41 -18.43 4.60
CA LEU A 26 0.09 -17.83 5.90
C LEU A 26 -0.17 -18.83 7.02
N GLY A 27 -0.54 -20.06 6.66
CA GLY A 27 -0.66 -21.11 7.66
C GLY A 27 -1.36 -22.32 7.08
N ASP A 28 -1.48 -23.38 7.87
CA ASP A 28 -2.25 -24.55 7.49
C ASP A 28 -3.72 -24.14 7.49
N ILE A 29 -4.47 -24.63 6.51
CA ILE A 29 -5.85 -24.21 6.29
C ILE A 29 -6.82 -25.38 6.40
N VAL A 30 -7.87 -25.22 7.22
CA VAL A 30 -8.94 -26.22 7.33
C VAL A 30 -10.21 -25.60 6.79
N LEU A 31 -10.76 -26.24 5.76
CA LEU A 31 -11.99 -25.79 5.14
C LEU A 31 -13.12 -26.74 5.56
N LEU A 32 -14.08 -26.22 6.30
CA LEU A 32 -15.17 -27.05 6.83
C LEU A 32 -16.50 -26.68 6.21
N ASP A 33 -17.31 -27.68 5.89
CA ASP A 33 -18.69 -27.43 5.44
C ASP A 33 -19.56 -28.60 5.89
N ILE A 34 -20.86 -28.40 5.98
CA ILE A 34 -21.77 -29.48 6.31
CA ILE A 34 -21.81 -29.46 6.30
C ILE A 34 -21.92 -30.49 5.19
N VAL A 35 -21.80 -30.04 3.94
CA VAL A 35 -22.03 -30.92 2.79
C VAL A 35 -20.81 -31.79 2.60
N GLU A 36 -21.02 -33.10 2.57
CA GLU A 36 -19.91 -34.01 2.41
CA GLU A 36 -19.94 -34.06 2.38
C GLU A 36 -19.36 -33.86 0.99
N GLY A 37 -18.05 -34.01 0.85
CA GLY A 37 -17.43 -33.98 -0.47
C GLY A 37 -16.97 -32.64 -1.00
N VAL A 38 -17.82 -31.63 -0.86
CA VAL A 38 -17.52 -30.31 -1.41
C VAL A 38 -16.25 -29.65 -0.82
N PRO A 39 -16.14 -29.56 0.53
CA PRO A 39 -14.91 -28.96 1.05
C PRO A 39 -13.69 -29.83 0.78
N GLN A 40 -13.86 -31.14 0.81
CA GLN A 40 -12.73 -32.05 0.52
C GLN A 40 -12.24 -31.81 -0.91
N GLY A 41 -13.19 -31.62 -1.82
CA GLY A 41 -12.90 -31.44 -3.23
C GLY A 41 -12.20 -30.14 -3.51
N LYS A 42 -12.74 -29.05 -2.98
CA LYS A 42 -12.12 -27.74 -3.15
CA LYS A 42 -12.12 -27.74 -3.16
C LYS A 42 -10.73 -27.64 -2.51
N ALA A 43 -10.59 -28.17 -1.31
CA ALA A 43 -9.28 -28.23 -0.62
C ALA A 43 -8.23 -29.00 -1.42
N LEU A 44 -8.62 -30.14 -1.99
CA LEU A 44 -7.64 -30.95 -2.71
C LEU A 44 -7.23 -30.27 -4.00
N ASP A 45 -8.19 -29.64 -4.65
CA ASP A 45 -7.95 -28.90 -5.89
C ASP A 45 -6.91 -27.81 -5.58
N LEU A 46 -7.19 -27.01 -4.54
CA LEU A 46 -6.27 -25.93 -4.14
C LEU A 46 -4.88 -26.47 -3.80
N TYR A 47 -4.86 -27.60 -3.08
CA TYR A 47 -3.59 -28.21 -2.67
C TYR A 47 -2.77 -28.64 -3.87
N GLU A 48 -3.46 -29.13 -4.90
CA GLU A 48 -2.77 -29.63 -6.09
C GLU A 48 -2.15 -28.52 -6.94
N ALA A 49 -2.53 -27.28 -6.66
CA ALA A 49 -1.92 -26.13 -7.27
C ALA A 49 -0.58 -25.76 -6.61
N SER A 50 -0.30 -26.34 -5.44
CA SER A 50 0.86 -25.90 -4.65
C SER A 50 2.25 -26.01 -5.29
N PRO A 51 2.50 -27.05 -6.10
CA PRO A 51 3.85 -27.11 -6.70
C PRO A 51 4.02 -26.06 -7.80
N ILE A 52 2.90 -25.60 -8.37
CA ILE A 52 2.97 -24.50 -9.35
C ILE A 52 3.17 -23.16 -8.65
N GLU A 53 2.44 -22.97 -7.56
CA GLU A 53 2.42 -21.68 -6.87
CA GLU A 53 2.44 -21.67 -6.91
C GLU A 53 3.51 -21.54 -5.84
N GLY A 54 4.10 -22.65 -5.46
CA GLY A 54 5.25 -22.64 -4.57
C GLY A 54 4.96 -22.48 -3.09
N PHE A 55 3.79 -22.90 -2.65
CA PHE A 55 3.50 -22.80 -1.21
C PHE A 55 3.50 -24.16 -0.49
N ASP A 56 4.05 -24.16 0.73
CA ASP A 56 4.04 -25.34 1.61
C ASP A 56 3.16 -25.11 2.85
N VAL A 57 1.87 -25.35 2.72
CA VAL A 57 0.96 -25.43 3.86
C VAL A 57 0.01 -26.58 3.61
N ARG A 58 -0.52 -27.15 4.69
CA ARG A 58 -1.54 -28.20 4.57
C ARG A 58 -2.87 -27.53 4.25
N VAL A 59 -3.66 -28.16 3.38
CA VAL A 59 -5.00 -27.63 3.03
C VAL A 59 -5.99 -28.78 3.14
N THR A 60 -6.72 -28.80 4.25
CA THR A 60 -7.58 -29.93 4.60
C THR A 60 -9.04 -29.55 4.43
N GLY A 61 -9.80 -30.42 3.76
CA GLY A 61 -11.25 -30.24 3.71
C GLY A 61 -11.92 -31.22 4.65
N THR A 62 -12.98 -30.78 5.32
CA THR A 62 -13.57 -31.60 6.37
C THR A 62 -15.04 -31.31 6.65
N ASN A 63 -15.72 -32.32 7.21
CA ASN A 63 -17.06 -32.14 7.76
C ASN A 63 -17.04 -32.21 9.29
N ASN A 64 -15.84 -32.37 9.86
CA ASN A 64 -15.73 -32.63 11.29
C ASN A 64 -15.08 -31.44 12.01
N TYR A 65 -15.83 -30.83 12.93
CA TYR A 65 -15.29 -29.71 13.70
C TYR A 65 -14.01 -30.02 14.47
N ALA A 66 -13.81 -31.30 14.80
CA ALA A 66 -12.60 -31.73 15.50
C ALA A 66 -11.32 -31.35 14.74
N ASP A 67 -11.42 -31.28 13.41
CA ASP A 67 -10.27 -30.93 12.59
C ASP A 67 -9.89 -29.44 12.69
N THR A 68 -10.77 -28.63 13.28
CA THR A 68 -10.52 -27.19 13.42
C THR A 68 -9.83 -26.84 14.75
N ALA A 69 -9.53 -27.84 15.57
CA ALA A 69 -9.05 -27.56 16.93
C ALA A 69 -7.77 -26.71 16.95
N ASN A 70 -7.66 -25.83 17.94
CA ASN A 70 -6.46 -25.02 18.14
C ASN A 70 -6.10 -24.13 16.95
N SER A 71 -7.11 -23.56 16.31
CA SER A 71 -6.86 -22.61 15.22
C SER A 71 -6.50 -21.25 15.80
N ASP A 72 -5.67 -20.52 15.07
CA ASP A 72 -5.30 -19.15 15.43
C ASP A 72 -6.38 -18.15 14.99
N VAL A 73 -7.07 -18.46 13.89
CA VAL A 73 -8.15 -17.61 13.39
C VAL A 73 -9.26 -18.53 12.89
N ILE A 74 -10.51 -18.18 13.19
CA ILE A 74 -11.67 -18.85 12.61
C ILE A 74 -12.39 -17.84 11.73
N VAL A 75 -12.59 -18.19 10.46
CA VAL A 75 -13.36 -17.36 9.55
C VAL A 75 -14.70 -18.05 9.29
N VAL A 76 -15.80 -17.31 9.42
CA VAL A 76 -17.12 -17.90 9.18
C VAL A 76 -17.78 -17.25 7.98
N THR A 77 -18.02 -18.03 6.92
CA THR A 77 -18.63 -17.46 5.73
C THR A 77 -20.05 -18.02 5.52
N SER A 78 -20.39 -19.01 6.32
CA SER A 78 -21.66 -19.72 6.16
C SER A 78 -22.84 -18.77 6.40
N GLY A 79 -23.70 -18.66 5.41
CA GLY A 79 -24.84 -17.76 5.50
C GLY A 79 -25.81 -17.89 4.36
N ALA A 80 -27.10 -17.71 4.67
CA ALA A 80 -28.17 -17.73 3.69
C ALA A 80 -27.98 -16.63 2.66
N PRO A 81 -28.20 -16.97 1.38
CA PRO A 81 -27.67 -16.20 0.24
C PRO A 81 -28.49 -14.99 -0.20
N ARG A 82 -27.91 -14.29 -1.19
CA ARG A 82 -28.59 -13.36 -2.11
C ARG A 82 -29.56 -12.28 -1.61
N LYS A 83 -29.82 -12.20 -0.30
CA LYS A 83 -31.00 -11.48 0.19
C LYS A 83 -32.15 -12.14 -0.57
N PRO A 84 -32.55 -13.34 -0.12
CA PRO A 84 -33.16 -14.41 -0.92
C PRO A 84 -34.60 -14.21 -1.41
N GLY A 85 -35.26 -13.15 -0.99
CA GLY A 85 -36.65 -12.94 -1.36
C GLY A 85 -37.59 -13.18 -0.19
N MET A 86 -37.00 -13.59 0.93
CA MET A 86 -37.74 -13.70 2.18
C MET A 86 -37.80 -12.33 2.83
N SER A 87 -38.43 -12.24 4.00
CA SER A 87 -38.44 -10.99 4.75
C SER A 87 -37.04 -10.71 5.27
N ARG A 88 -36.81 -9.48 5.73
CA ARG A 88 -35.56 -9.15 6.38
C ARG A 88 -35.42 -10.04 7.60
N GLU A 89 -36.52 -10.20 8.32
CA GLU A 89 -36.55 -10.99 9.54
C GLU A 89 -36.24 -12.48 9.32
N ASP A 90 -36.80 -13.05 8.25
CA ASP A 90 -36.52 -14.43 7.88
C ASP A 90 -35.02 -14.65 7.69
N LEU A 91 -34.38 -13.70 7.03
CA LEU A 91 -32.95 -13.79 6.75
C LEU A 91 -32.15 -13.87 8.03
N ILE A 92 -32.53 -13.10 9.04
CA ILE A 92 -31.83 -13.06 10.31
CA ILE A 92 -31.75 -13.11 10.25
C ILE A 92 -31.99 -14.38 11.08
N LYS A 93 -33.22 -14.89 11.09
CA LYS A 93 -33.50 -16.13 11.77
C LYS A 93 -32.66 -17.29 11.20
N VAL A 94 -32.64 -17.42 9.87
CA VAL A 94 -31.92 -18.54 9.25
C VAL A 94 -30.41 -18.41 9.49
N ASN A 95 -29.88 -17.21 9.32
CA ASN A 95 -28.46 -16.97 9.58
C ASN A 95 -28.06 -17.00 11.05
N ALA A 96 -29.00 -16.68 11.95
CA ALA A 96 -28.71 -16.79 13.38
C ALA A 96 -28.53 -18.24 13.77
N ASP A 97 -29.43 -19.10 13.32
CA ASP A 97 -29.32 -20.52 13.57
C ASP A 97 -27.99 -21.07 12.99
N ILE A 98 -27.63 -20.68 11.78
CA ILE A 98 -26.39 -21.17 11.17
C ILE A 98 -25.18 -20.72 11.99
N THR A 99 -25.22 -19.44 12.40
CA THR A 99 -24.11 -18.83 13.11
C THR A 99 -23.95 -19.47 14.48
N ARG A 100 -25.06 -19.67 15.17
CA ARG A 100 -25.02 -20.35 16.45
C ARG A 100 -24.45 -21.76 16.33
N ALA A 101 -24.91 -22.52 15.34
CA ALA A 101 -24.39 -23.88 15.15
C ALA A 101 -22.89 -23.85 14.87
N CYS A 102 -22.46 -22.96 13.99
CA CYS A 102 -21.04 -22.82 13.66
CA CYS A 102 -21.04 -22.85 13.68
C CYS A 102 -20.19 -22.42 14.87
N ILE A 103 -20.59 -21.36 15.58
CA ILE A 103 -19.75 -20.84 16.66
C ILE A 103 -19.75 -21.76 17.89
N SER A 104 -20.91 -22.32 18.23
CA SER A 104 -20.99 -23.19 19.39
C SER A 104 -20.12 -24.45 19.22
N GLN A 105 -19.92 -24.88 17.99
CA GLN A 105 -19.06 -26.04 17.73
C GLN A 105 -17.58 -25.68 17.60
N ALA A 106 -17.28 -24.57 16.94
CA ALA A 106 -15.88 -24.23 16.68
C ALA A 106 -15.17 -23.52 17.84
N ALA A 107 -15.87 -22.58 18.49
CA ALA A 107 -15.22 -21.74 19.50
C ALA A 107 -14.57 -22.50 20.67
N PRO A 108 -15.27 -23.49 21.27
CA PRO A 108 -14.65 -24.23 22.37
C PRO A 108 -13.39 -25.02 21.97
N LEU A 109 -13.20 -25.24 20.67
CA LEU A 109 -12.08 -26.07 20.23
C LEU A 109 -10.85 -25.20 19.96
N SER A 110 -11.09 -23.90 19.82
CA SER A 110 -10.00 -22.95 19.55
C SER A 110 -10.14 -21.73 20.47
N PRO A 111 -9.93 -21.95 21.77
CA PRO A 111 -10.23 -20.91 22.75
C PRO A 111 -9.35 -19.65 22.61
N ASN A 112 -8.23 -19.74 21.91
CA ASN A 112 -7.41 -18.53 21.73
C ASN A 112 -7.55 -17.90 20.36
N ALA A 113 -8.49 -18.39 19.56
CA ALA A 113 -8.67 -17.85 18.22
C ALA A 113 -9.21 -16.42 18.19
N VAL A 114 -8.90 -15.71 17.12
CA VAL A 114 -9.71 -14.57 16.70
C VAL A 114 -10.75 -15.05 15.70
N ILE A 115 -12.01 -14.70 15.93
CA ILE A 115 -13.11 -15.00 15.03
C ILE A 115 -13.40 -13.80 14.14
N ILE A 116 -13.45 -14.07 12.84
CA ILE A 116 -13.80 -13.08 11.83
C ILE A 116 -15.07 -13.57 11.12
N MET A 117 -16.16 -12.85 11.33
CA MET A 117 -17.43 -13.17 10.67
C MET A 117 -17.54 -12.52 9.29
N VAL A 118 -18.10 -13.25 8.34
CA VAL A 118 -18.39 -12.71 7.00
C VAL A 118 -19.72 -13.26 6.52
N ASN A 119 -20.73 -13.16 7.35
CA ASN A 119 -22.06 -13.49 6.87
C ASN A 119 -22.99 -12.31 7.12
N ASN A 120 -24.27 -12.51 6.89
CA ASN A 120 -25.22 -11.41 6.87
C ASN A 120 -26.42 -11.74 7.73
N PRO A 121 -26.99 -10.72 8.41
CA PRO A 121 -26.52 -9.33 8.44
C PRO A 121 -25.28 -9.25 9.33
N LEU A 122 -24.25 -8.60 8.80
CA LEU A 122 -22.88 -8.70 9.31
CA LEU A 122 -22.88 -8.74 9.31
C LEU A 122 -22.69 -8.29 10.75
N ASP A 123 -23.11 -7.08 11.10
CA ASP A 123 -22.93 -6.65 12.49
C ASP A 123 -23.69 -7.51 13.50
N ALA A 124 -24.93 -7.89 13.17
CA ALA A 124 -25.75 -8.67 14.07
C ALA A 124 -25.15 -10.05 14.27
N MET A 125 -24.66 -10.64 13.18
CA MET A 125 -24.12 -12.00 13.26
C MET A 125 -22.82 -12.03 14.04
N THR A 126 -22.07 -10.93 13.98
CA THR A 126 -20.84 -10.81 14.75
C THR A 126 -21.21 -10.64 16.23
N TYR A 127 -22.24 -9.86 16.51
CA TYR A 127 -22.75 -9.76 17.88
C TYR A 127 -23.15 -11.13 18.44
N LEU A 128 -23.85 -11.91 17.63
CA LEU A 128 -24.29 -13.23 18.06
C LEU A 128 -23.09 -14.14 18.26
N ALA A 129 -22.09 -14.02 17.38
CA ALA A 129 -20.85 -14.79 17.51
C ALA A 129 -20.16 -14.48 18.83
N ALA A 130 -20.13 -13.20 19.20
CA ALA A 130 -19.56 -12.84 20.50
C ALA A 130 -20.33 -13.50 21.64
N GLU A 131 -21.66 -13.45 21.57
CA GLU A 131 -22.50 -14.06 22.60
C GLU A 131 -22.27 -15.56 22.72
N VAL A 132 -22.24 -16.23 21.58
CA VAL A 132 -22.20 -17.69 21.61
C VAL A 132 -20.81 -18.17 22.03
N SER A 133 -19.79 -17.48 21.56
CA SER A 133 -18.41 -17.88 21.86
C SER A 133 -18.02 -17.58 23.29
N GLY A 134 -18.50 -16.46 23.82
CA GLY A 134 -18.07 -16.00 25.13
C GLY A 134 -16.67 -15.39 25.14
N PHE A 135 -16.09 -15.20 23.97
CA PHE A 135 -14.72 -14.72 23.81
C PHE A 135 -14.64 -13.24 24.19
N PRO A 136 -13.45 -12.75 24.58
CA PRO A 136 -13.30 -11.29 24.73
C PRO A 136 -13.69 -10.58 23.44
N LYS A 137 -14.36 -9.44 23.55
CA LYS A 137 -14.94 -8.77 22.39
C LYS A 137 -13.90 -8.40 21.34
N GLU A 138 -12.69 -8.11 21.79
CA GLU A 138 -11.60 -7.76 20.89
C GLU A 138 -11.26 -8.89 19.93
N ARG A 139 -11.62 -10.12 20.31
CA ARG A 139 -11.31 -11.29 19.49
C ARG A 139 -12.46 -11.80 18.62
N VAL A 140 -13.54 -11.03 18.53
CA VAL A 140 -14.66 -11.41 17.66
C VAL A 140 -15.00 -10.18 16.83
N ILE A 141 -14.70 -10.22 15.54
CA ILE A 141 -14.90 -9.08 14.69
C ILE A 141 -15.56 -9.51 13.39
N GLY A 142 -16.03 -8.52 12.65
CA GLY A 142 -16.67 -8.79 11.37
C GLY A 142 -16.01 -8.07 10.24
N GLN A 143 -15.94 -8.72 9.08
CA GLN A 143 -15.42 -8.09 7.87
C GLN A 143 -16.58 -7.43 7.13
N ALA A 144 -16.55 -6.12 6.99
CA ALA A 144 -17.47 -5.45 6.09
C ALA A 144 -16.81 -4.21 5.50
N GLY A 145 -16.23 -3.40 6.36
CA GLY A 145 -15.68 -2.12 5.94
C GLY A 145 -14.52 -2.26 4.98
N VAL A 146 -13.71 -3.31 5.14
CA VAL A 146 -12.55 -3.48 4.26
C VAL A 146 -13.02 -3.73 2.82
N LEU A 147 -14.11 -4.49 2.66
CA LEU A 147 -14.66 -4.66 1.33
C LEU A 147 -15.22 -3.34 0.77
N ASP A 148 -16.02 -2.64 1.55
CA ASP A 148 -16.67 -1.43 1.02
C ASP A 148 -15.63 -0.38 0.69
N ALA A 149 -14.61 -0.24 1.54
CA ALA A 149 -13.51 0.68 1.27
C ALA A 149 -12.72 0.27 0.04
N ALA A 150 -12.59 -1.04 -0.21
CA ALA A 150 -11.88 -1.51 -1.39
C ALA A 150 -12.61 -1.09 -2.64
N ARG A 151 -13.93 -1.31 -2.66
CA ARG A 151 -14.71 -0.86 -3.82
C ARG A 151 -14.56 0.65 -4.04
N TYR A 152 -14.70 1.44 -2.96
CA TYR A 152 -14.54 2.88 -3.02
C TYR A 152 -13.17 3.26 -3.58
N ARG A 153 -12.11 2.62 -3.06
CA ARG A 153 -10.75 2.93 -3.47
C ARG A 153 -10.51 2.57 -4.94
N THR A 154 -11.10 1.46 -5.38
CA THR A 154 -11.06 1.08 -6.79
C THR A 154 -11.65 2.18 -7.68
N PHE A 155 -12.85 2.64 -7.31
CA PHE A 155 -13.54 3.64 -8.09
C PHE A 155 -12.78 4.99 -8.11
N ILE A 156 -12.25 5.35 -6.96
CA ILE A 156 -11.43 6.57 -6.82
C ILE A 156 -10.17 6.49 -7.68
N ALA A 157 -9.45 5.38 -7.61
CA ALA A 157 -8.22 5.20 -8.39
C ALA A 157 -8.50 5.30 -9.88
N MET A 158 -9.56 4.64 -10.32
CA MET A 158 -9.89 4.63 -11.73
C MET A 158 -10.21 6.06 -12.21
N GLU A 159 -11.01 6.78 -11.42
CA GLU A 159 -11.47 8.11 -11.80
C GLU A 159 -10.35 9.14 -11.76
N ALA A 160 -9.51 9.07 -10.73
CA ALA A 160 -8.41 10.03 -10.59
C ALA A 160 -7.23 9.70 -11.50
N GLY A 161 -7.19 8.47 -11.98
CA GLY A 161 -6.16 8.05 -12.91
C GLY A 161 -4.84 7.75 -12.24
N VAL A 162 -4.94 7.09 -11.09
CA VAL A 162 -3.78 6.81 -10.24
C VAL A 162 -3.75 5.34 -9.79
N SER A 163 -2.62 4.95 -9.18
CA SER A 163 -2.41 3.57 -8.72
C SER A 163 -3.32 3.23 -7.57
N VAL A 164 -3.89 2.03 -7.58
CA VAL A 164 -4.68 1.61 -6.42
C VAL A 164 -3.86 1.51 -5.16
N GLU A 165 -2.53 1.40 -5.33
CA GLU A 165 -1.66 1.28 -4.17
C GLU A 165 -1.56 2.56 -3.37
N ASP A 166 -1.98 3.66 -3.97
CA ASP A 166 -1.82 4.97 -3.37
C ASP A 166 -3.12 5.57 -2.88
N VAL A 167 -4.20 4.78 -2.84
CA VAL A 167 -5.49 5.35 -2.39
C VAL A 167 -5.86 4.75 -1.05
N GLN A 168 -6.17 5.61 -0.08
CA GLN A 168 -6.61 5.13 1.24
C GLN A 168 -8.01 5.65 1.48
N ALA A 169 -8.82 4.91 2.25
CA ALA A 169 -10.14 5.39 2.63
C ALA A 169 -10.65 4.72 3.90
N MET A 170 -11.23 5.51 4.79
CA MET A 170 -11.91 5.02 5.97
C MET A 170 -13.41 5.23 5.82
N LEU A 171 -14.19 4.25 6.25
CA LEU A 171 -15.64 4.40 6.30
C LEU A 171 -16.19 3.58 7.46
N MET A 172 -17.46 3.74 7.76
CA MET A 172 -18.00 3.14 8.98
C MET A 172 -19.34 2.46 8.74
N GLY A 173 -19.91 1.85 9.78
CA GLY A 173 -21.27 1.33 9.71
C GLY A 173 -21.32 -0.07 9.15
N GLY A 174 -22.35 -0.36 8.35
CA GLY A 174 -22.49 -1.70 7.76
C GLY A 174 -22.45 -1.59 6.24
N HIS A 175 -23.11 -2.52 5.55
CA HIS A 175 -23.19 -2.42 4.09
C HIS A 175 -24.39 -1.60 3.63
N GLY A 176 -24.35 -1.19 2.36
CA GLY A 176 -25.51 -0.66 1.70
C GLY A 176 -26.05 0.61 2.32
N ASP A 177 -27.34 0.59 2.64
CA ASP A 177 -27.99 1.73 3.26
C ASP A 177 -27.41 2.05 4.63
N GLU A 178 -26.76 1.07 5.24
CA GLU A 178 -26.16 1.24 6.57
C GLU A 178 -24.69 1.67 6.53
N MET A 179 -24.12 1.77 5.33
CA MET A 179 -22.75 2.22 5.21
C MET A 179 -22.72 3.69 5.61
N VAL A 180 -21.65 4.08 6.30
CA VAL A 180 -21.44 5.48 6.58
C VAL A 180 -20.22 5.93 5.78
N PRO A 181 -20.45 6.56 4.62
CA PRO A 181 -19.29 6.95 3.82
C PRO A 181 -18.60 8.14 4.43
N LEU A 182 -17.27 8.26 4.25
CA LEU A 182 -16.49 9.36 4.84
C LEU A 182 -15.45 9.87 3.83
N PRO A 183 -15.91 10.48 2.72
CA PRO A 183 -14.91 10.90 1.73
C PRO A 183 -13.88 11.91 2.28
N ARG A 184 -14.23 12.66 3.33
CA ARG A 184 -13.25 13.51 4.00
C ARG A 184 -12.04 12.71 4.51
N PHE A 185 -12.28 11.46 4.90
CA PHE A 185 -11.23 10.58 5.40
C PHE A 185 -10.77 9.60 4.31
N SER A 186 -10.45 10.14 3.14
CA SER A 186 -9.87 9.40 2.05
C SER A 186 -8.86 10.28 1.31
N THR A 187 -7.76 9.65 0.91
CA THR A 187 -6.64 10.38 0.32
C THR A 187 -5.89 9.56 -0.72
N ILE A 188 -5.13 10.27 -1.55
CA ILE A 188 -4.24 9.68 -2.56
C ILE A 188 -2.85 10.19 -2.22
N SER A 189 -1.98 9.26 -1.79
CA SER A 189 -0.66 9.61 -1.27
C SER A 189 -0.68 10.76 -0.27
N GLY A 190 -1.68 10.74 0.61
CA GLY A 190 -1.81 11.71 1.67
C GLY A 190 -2.57 12.98 1.30
N ILE A 191 -2.97 13.09 0.03
CA ILE A 191 -3.71 14.26 -0.46
C ILE A 191 -5.20 13.97 -0.50
N PRO A 192 -6.04 14.86 0.09
CA PRO A 192 -7.51 14.69 0.09
C PRO A 192 -8.09 14.30 -1.29
N VAL A 193 -8.92 13.26 -1.32
CA VAL A 193 -9.59 12.85 -2.55
C VAL A 193 -10.41 13.98 -3.15
N SER A 194 -10.94 14.86 -2.30
CA SER A 194 -11.74 15.98 -2.76
C SER A 194 -10.98 16.94 -3.68
N GLU A 195 -9.65 16.90 -3.64
CA GLU A 195 -8.83 17.73 -4.53
C GLU A 195 -8.75 17.14 -5.94
N PHE A 196 -9.10 15.87 -6.09
CA PHE A 196 -9.01 15.20 -7.38
C PHE A 196 -10.36 15.05 -8.06
N ILE A 197 -11.41 14.92 -7.26
CA ILE A 197 -12.70 14.54 -7.82
C ILE A 197 -13.76 15.53 -7.36
N ALA A 198 -14.52 16.05 -8.31
CA ALA A 198 -15.52 17.09 -8.05
C ALA A 198 -16.67 16.54 -7.22
N PRO A 199 -17.35 17.42 -6.45
CA PRO A 199 -18.36 16.92 -5.51
C PRO A 199 -19.47 16.04 -6.13
N ASP A 200 -20.01 16.39 -7.28
CA ASP A 200 -21.09 15.59 -7.90
C ASP A 200 -20.64 14.18 -8.27
N ARG A 201 -19.47 14.10 -8.89
CA ARG A 201 -18.90 12.84 -9.26
C ARG A 201 -18.54 12.00 -8.04
N LEU A 202 -18.04 12.65 -7.00
CA LEU A 202 -17.65 11.95 -5.78
C LEU A 202 -18.90 11.34 -5.13
N ALA A 203 -19.99 12.09 -5.16
CA ALA A 203 -21.27 11.61 -4.65
C ALA A 203 -21.71 10.37 -5.43
N GLN A 204 -21.51 10.37 -6.74
CA GLN A 204 -21.83 9.19 -7.54
C GLN A 204 -20.99 8.00 -7.10
N ILE A 205 -19.72 8.25 -6.81
CA ILE A 205 -18.82 7.19 -6.41
C ILE A 205 -19.22 6.63 -5.06
N VAL A 206 -19.61 7.51 -4.15
CA VAL A 206 -20.15 7.09 -2.86
C VAL A 206 -21.41 6.20 -3.04
N GLU A 207 -22.31 6.61 -3.92
CA GLU A 207 -23.52 5.82 -4.15
C GLU A 207 -23.19 4.47 -4.79
N ARG A 208 -22.21 4.47 -5.70
CA ARG A 208 -21.79 3.23 -6.32
C ARG A 208 -21.23 2.29 -5.27
N THR A 209 -20.57 2.86 -4.28
CA THR A 209 -20.00 2.06 -3.22
C THR A 209 -21.13 1.45 -2.41
N ARG A 210 -22.16 2.22 -2.07
CA ARG A 210 -23.31 1.66 -1.32
C ARG A 210 -23.94 0.48 -2.06
N LYS A 211 -24.09 0.60 -3.37
CA LYS A 211 -24.79 -0.37 -4.17
C LYS A 211 -23.86 -1.46 -4.72
N GLY A 212 -22.58 -1.40 -4.35
CA GLY A 212 -21.54 -2.20 -4.96
C GLY A 212 -21.72 -3.71 -4.93
N GLY A 213 -22.24 -4.24 -3.84
CA GLY A 213 -22.55 -5.66 -3.74
C GLY A 213 -23.67 -6.05 -4.69
N GLY A 214 -24.72 -5.22 -4.74
CA GLY A 214 -25.86 -5.50 -5.60
C GLY A 214 -25.54 -5.33 -7.07
N GLU A 215 -24.56 -4.47 -7.37
CA GLU A 215 -24.14 -4.27 -8.75
C GLU A 215 -23.59 -5.61 -9.27
N ILE A 216 -22.79 -6.26 -8.43
CA ILE A 216 -22.21 -7.56 -8.78
C ILE A 216 -23.29 -8.66 -8.89
N VAL A 217 -24.21 -8.72 -7.93
CA VAL A 217 -25.33 -9.68 -7.99
C VAL A 217 -26.12 -9.56 -9.28
N ASN A 218 -26.42 -8.33 -9.68
CA ASN A 218 -27.21 -8.09 -10.89
C ASN A 218 -26.48 -8.51 -12.17
N LEU A 219 -25.17 -8.34 -12.21
CA LEU A 219 -24.40 -8.75 -13.38
C LEU A 219 -24.33 -10.27 -13.50
N LEU A 220 -23.99 -10.90 -12.39
CA LEU A 220 -23.83 -12.36 -12.36
C LEU A 220 -25.14 -13.08 -12.61
N LYS A 221 -26.23 -12.49 -12.14
CA LYS A 221 -27.57 -13.06 -12.23
C LYS A 221 -27.78 -14.29 -11.34
N THR A 222 -26.72 -15.03 -11.08
CA THR A 222 -26.71 -16.05 -10.04
C THR A 222 -25.51 -15.83 -9.13
N GLY A 223 -25.73 -15.87 -7.82
CA GLY A 223 -24.64 -15.74 -6.88
C GLY A 223 -24.20 -14.31 -6.66
N SER A 224 -23.24 -14.13 -5.74
CA SER A 224 -22.79 -12.80 -5.35
CA SER A 224 -22.77 -12.79 -5.37
C SER A 224 -21.27 -12.66 -5.55
N ALA A 225 -20.74 -11.48 -5.23
CA ALA A 225 -19.30 -11.24 -5.24
C ALA A 225 -18.53 -12.19 -4.32
N TYR A 226 -17.31 -12.54 -4.72
CA TYR A 226 -16.43 -13.32 -3.85
C TYR A 226 -14.96 -12.94 -3.91
N TYR A 227 -14.48 -12.44 -5.05
CA TYR A 227 -13.05 -12.08 -5.13
C TYR A 227 -12.67 -10.99 -4.13
N ALA A 228 -13.37 -9.87 -4.19
CA ALA A 228 -13.04 -8.79 -3.28
C ALA A 228 -13.47 -9.09 -1.83
N PRO A 229 -14.64 -9.70 -1.63
CA PRO A 229 -14.95 -10.11 -0.25
C PRO A 229 -13.91 -11.06 0.35
N ALA A 230 -13.44 -12.04 -0.40
CA ALA A 230 -12.40 -12.93 0.10
C ALA A 230 -11.06 -12.22 0.36
N ALA A 231 -10.68 -11.27 -0.52
CA ALA A 231 -9.44 -10.53 -0.34
C ALA A 231 -9.49 -9.68 0.93
N ALA A 232 -10.63 -9.05 1.15
CA ALA A 232 -10.81 -8.24 2.33
C ALA A 232 -10.69 -9.12 3.57
N THR A 233 -11.28 -10.29 3.51
CA THR A 233 -11.29 -11.20 4.66
C THR A 233 -9.87 -11.70 4.92
N ALA A 234 -9.17 -12.08 3.86
CA ALA A 234 -7.81 -12.59 3.97
C ALA A 234 -6.85 -11.55 4.51
N GLN A 235 -7.06 -10.30 4.11
CA GLN A 235 -6.21 -9.22 4.58
C GLN A 235 -6.35 -9.04 6.09
N MET A 236 -7.59 -9.16 6.58
CA MET A 236 -7.82 -9.11 8.03
C MET A 236 -7.14 -10.32 8.72
N VAL A 237 -7.30 -11.52 8.13
CA VAL A 237 -6.62 -12.70 8.67
C VAL A 237 -5.11 -12.47 8.75
N GLU A 238 -4.56 -11.96 7.67
CA GLU A 238 -3.13 -11.66 7.63
C GLU A 238 -2.72 -10.67 8.74
N ALA A 239 -3.54 -9.66 8.97
CA ALA A 239 -3.25 -8.64 9.96
C ALA A 239 -3.08 -9.29 11.34
N VAL A 240 -3.92 -10.27 11.63
CA VAL A 240 -3.84 -10.98 12.90
C VAL A 240 -2.64 -11.91 12.94
N LEU A 241 -2.50 -12.76 11.92
CA LEU A 241 -1.41 -13.76 11.92
C LEU A 241 0.02 -13.17 11.96
N LYS A 242 0.23 -12.03 11.29
CA LYS A 242 1.53 -11.41 11.21
C LYS A 242 1.67 -10.21 12.14
N ASP A 243 0.63 -10.00 12.95
CA ASP A 243 0.60 -8.91 13.93
C ASP A 243 0.96 -7.57 13.28
N LYS A 244 0.28 -7.24 12.19
CA LYS A 244 0.72 -6.12 11.35
C LYS A 244 0.22 -4.74 11.86
N LYS A 245 -0.76 -4.75 12.77
CA LYS A 245 -1.32 -3.48 13.28
C LYS A 245 -1.91 -2.64 12.15
N ARG A 246 -2.76 -3.26 11.35
CA ARG A 246 -3.39 -2.58 10.23
C ARG A 246 -4.42 -1.61 10.79
N VAL A 247 -4.58 -0.50 10.10
CA VAL A 247 -5.67 0.41 10.44
C VAL A 247 -6.80 0.19 9.43
N MET A 248 -7.91 -0.36 9.91
CA MET A 248 -9.00 -0.80 9.02
C MET A 248 -10.36 -0.55 9.67
N PRO A 249 -11.39 -0.33 8.85
CA PRO A 249 -12.75 -0.41 9.39
C PRO A 249 -13.16 -1.86 9.57
N VAL A 250 -13.57 -2.23 10.78
CA VAL A 250 -14.09 -3.57 11.02
C VAL A 250 -15.27 -3.46 11.98
N ALA A 251 -16.13 -4.48 11.98
CA ALA A 251 -17.25 -4.49 12.93
C ALA A 251 -16.70 -4.85 14.30
N ALA A 252 -16.81 -3.90 15.22
CA ALA A 252 -16.29 -4.09 16.57
C ALA A 252 -17.37 -3.78 17.58
N TYR A 253 -17.19 -4.33 18.78
CA TYR A 253 -18.11 -4.10 19.88
C TYR A 253 -17.87 -2.73 20.55
N LEU A 254 -18.90 -1.90 20.56
CA LEU A 254 -18.78 -0.54 21.08
C LEU A 254 -19.31 -0.37 22.50
N THR A 255 -18.57 0.40 23.29
CA THR A 255 -18.91 0.69 24.68
C THR A 255 -18.93 2.20 24.95
N GLY A 256 -19.33 2.97 23.93
CA GLY A 256 -19.46 4.40 24.09
C GLY A 256 -18.86 5.23 22.97
N GLN A 257 -18.03 4.60 22.14
CA GLN A 257 -17.41 5.30 21.02
C GLN A 257 -18.50 5.79 20.06
N TYR A 258 -18.41 7.03 19.61
CA TYR A 258 -19.41 7.60 18.68
C TYR A 258 -20.80 7.61 19.30
N GLY A 259 -20.85 7.56 20.62
CA GLY A 259 -22.12 7.59 21.34
C GLY A 259 -22.89 6.28 21.34
N LEU A 260 -22.23 5.20 20.91
CA LEU A 260 -22.89 3.91 20.73
C LEU A 260 -22.47 2.90 21.79
N ASN A 261 -23.45 2.21 22.37
CA ASN A 261 -23.18 1.21 23.41
C ASN A 261 -23.88 -0.10 23.16
N ASP A 262 -23.21 -1.20 23.50
CA ASP A 262 -23.75 -2.56 23.36
C ASP A 262 -24.22 -2.84 21.94
N ILE A 263 -23.30 -2.73 21.01
CA ILE A 263 -23.65 -2.95 19.62
C ILE A 263 -22.37 -3.25 18.86
N TYR A 264 -22.48 -4.04 17.80
CA TYR A 264 -21.37 -4.14 16.84
C TYR A 264 -21.60 -3.16 15.71
N PHE A 265 -20.53 -2.50 15.29
CA PHE A 265 -20.65 -1.42 14.32
C PHE A 265 -19.30 -1.24 13.65
N GLY A 266 -19.30 -0.94 12.35
CA GLY A 266 -18.05 -0.74 11.62
C GLY A 266 -17.39 0.54 12.09
N VAL A 267 -16.18 0.39 12.64
CA VAL A 267 -15.39 1.50 13.21
C VAL A 267 -13.92 1.32 12.81
N PRO A 268 -13.14 2.42 12.78
CA PRO A 268 -11.70 2.28 12.55
C PRO A 268 -11.02 1.65 13.74
N VAL A 269 -10.20 0.64 13.49
CA VAL A 269 -9.44 -0.03 14.54
C VAL A 269 -8.00 -0.23 14.15
N ILE A 270 -7.17 -0.52 15.14
CA ILE A 270 -5.87 -1.12 14.91
C ILE A 270 -6.06 -2.62 15.08
N LEU A 271 -5.73 -3.39 14.03
CA LEU A 271 -5.94 -4.85 14.10
C LEU A 271 -4.60 -5.59 14.11
N GLY A 272 -4.39 -6.42 15.14
CA GLY A 272 -3.17 -7.20 15.21
C GLY A 272 -3.40 -8.56 15.83
N ALA A 273 -2.34 -9.13 16.40
CA ALA A 273 -2.41 -10.47 17.00
C ALA A 273 -3.46 -10.54 18.10
N GLY A 274 -3.74 -9.41 18.75
CA GLY A 274 -4.74 -9.37 19.79
C GLY A 274 -6.16 -9.09 19.31
N GLY A 275 -6.40 -9.16 18.00
CA GLY A 275 -7.67 -8.73 17.42
C GLY A 275 -7.73 -7.20 17.42
N VAL A 276 -8.85 -6.66 17.88
CA VAL A 276 -8.97 -5.20 18.00
C VAL A 276 -8.08 -4.72 19.13
N GLU A 277 -7.04 -3.97 18.78
CA GLU A 277 -6.11 -3.51 19.80
C GLU A 277 -6.37 -2.04 20.18
N LYS A 278 -7.17 -1.36 19.37
CA LYS A 278 -7.59 0.01 19.67
C LYS A 278 -8.78 0.36 18.77
N ILE A 279 -9.81 0.98 19.34
CA ILE A 279 -10.88 1.55 18.52
C ILE A 279 -10.62 3.04 18.42
N LEU A 280 -10.45 3.50 17.17
CA LEU A 280 -10.13 4.91 16.97
C LEU A 280 -11.41 5.74 16.95
N GLU A 281 -11.33 6.94 17.50
CA GLU A 281 -12.48 7.84 17.58
C GLU A 281 -12.23 9.08 16.72
N LEU A 282 -12.78 9.06 15.51
CA LEU A 282 -12.61 10.16 14.57
C LEU A 282 -13.45 11.37 14.99
N PRO A 283 -12.92 12.59 14.75
CA PRO A 283 -13.69 13.82 15.01
C PRO A 283 -14.69 14.08 13.88
N LEU A 284 -15.81 13.36 13.95
CA LEU A 284 -16.85 13.47 12.91
C LEU A 284 -17.61 14.79 13.02
N ASN A 285 -17.86 15.44 11.88
CA ASN A 285 -18.59 16.70 11.85
C ASN A 285 -20.11 16.45 11.95
N GLU A 286 -20.90 17.52 11.90
CA GLU A 286 -22.34 17.41 12.12
C GLU A 286 -22.99 16.53 11.04
N GLU A 287 -22.58 16.75 9.80
CA GLU A 287 -23.12 16.00 8.66
C GLU A 287 -22.76 14.53 8.77
N GLU A 288 -21.49 14.26 9.07
CA GLU A 288 -21.05 12.88 9.21
C GLU A 288 -21.78 12.19 10.35
N MET A 289 -21.93 12.89 11.48
CA MET A 289 -22.66 12.32 12.61
C MET A 289 -24.11 11.95 12.30
N ALA A 290 -24.76 12.77 11.47
CA ALA A 290 -26.16 12.47 11.09
C ALA A 290 -26.22 11.13 10.33
N LEU A 291 -25.27 10.92 9.43
CA LEU A 291 -25.18 9.66 8.70
C LEU A 291 -24.97 8.51 9.67
N LEU A 292 -24.05 8.69 10.63
CA LEU A 292 -23.75 7.66 11.60
C LEU A 292 -24.97 7.34 12.45
N ASN A 293 -25.60 8.38 12.99
CA ASN A 293 -26.76 8.15 13.85
C ASN A 293 -27.87 7.40 13.13
N ALA A 294 -28.12 7.74 11.87
CA ALA A 294 -29.16 7.04 11.09
C ALA A 294 -28.76 5.59 10.84
N SER A 295 -27.49 5.38 10.49
CA SER A 295 -26.96 4.05 10.32
C SER A 295 -27.11 3.21 11.59
N ALA A 296 -26.69 3.78 12.71
CA ALA A 296 -26.78 3.07 13.98
C ALA A 296 -28.22 2.68 14.34
N LYS A 297 -29.18 3.58 14.12
CA LYS A 297 -30.59 3.28 14.38
C LYS A 297 -31.01 2.03 13.63
N ALA A 298 -30.61 1.96 12.36
CA ALA A 298 -30.92 0.83 11.50
C ALA A 298 -30.20 -0.45 11.94
N VAL A 299 -28.94 -0.33 12.34
CA VAL A 299 -28.17 -1.48 12.81
C VAL A 299 -28.75 -1.99 14.13
N ARG A 300 -29.10 -1.05 15.02
CA ARG A 300 -29.83 -1.37 16.26
C ARG A 300 -31.13 -2.12 16.01
N ALA A 301 -31.89 -1.70 15.00
CA ALA A 301 -33.17 -2.36 14.72
C ALA A 301 -32.96 -3.80 14.24
N THR A 302 -31.88 -4.04 13.49
CA THR A 302 -31.54 -5.38 13.09
C THR A 302 -31.18 -6.20 14.33
N LEU A 303 -30.40 -5.58 15.21
CA LEU A 303 -29.92 -6.25 16.41
C LEU A 303 -31.07 -6.59 17.35
N ASP A 304 -32.04 -5.70 17.42
CA ASP A 304 -33.18 -5.90 18.29
C ASP A 304 -34.07 -7.04 17.75
N THR A 305 -34.17 -7.13 16.44
CA THR A 305 -34.88 -8.24 15.81
C THR A 305 -34.20 -9.56 16.19
N LEU A 306 -32.87 -9.57 16.20
CA LEU A 306 -32.09 -10.75 16.61
C LEU A 306 -32.34 -11.09 18.07
N LYS A 307 -32.32 -10.07 18.92
CA LYS A 307 -32.57 -10.26 20.34
C LYS A 307 -33.98 -10.75 20.65
N SER A 308 -34.92 -10.54 19.72
CA SER A 308 -36.30 -10.93 19.96
C SER A 308 -36.63 -12.32 19.41
N LEU A 309 -35.62 -13.01 18.88
CA LEU A 309 -35.81 -14.36 18.37
C LEU A 309 -36.05 -15.35 19.50
N MET B 1 10.37 -10.01 -25.68
N MET B 1 12.30 -9.77 -25.49
CA MET B 1 11.37 -9.00 -25.35
CA MET B 1 11.18 -8.84 -25.36
C MET B 1 11.08 -8.36 -24.01
C MET B 1 11.15 -8.20 -23.99
N ARG B 2 11.82 -8.80 -23.01
CA ARG B 2 11.73 -8.33 -21.64
C ARG B 2 12.14 -6.87 -21.58
N LYS B 3 11.63 -6.15 -20.59
CA LYS B 3 12.12 -4.81 -20.31
C LYS B 3 13.64 -4.86 -20.03
N LYS B 4 14.30 -3.72 -20.25
CA LYS B 4 15.72 -3.59 -20.01
C LYS B 4 16.00 -2.33 -19.17
N ILE B 5 16.71 -2.50 -18.07
CA ILE B 5 17.06 -1.41 -17.20
C ILE B 5 18.58 -1.33 -17.09
N SER B 6 19.17 -0.17 -17.43
CA SER B 6 20.59 0.06 -17.17
C SER B 6 20.80 0.92 -15.92
N ILE B 7 21.74 0.51 -15.06
CA ILE B 7 22.06 1.22 -13.84
C ILE B 7 23.51 1.69 -13.94
N ILE B 8 23.70 3.01 -13.93
CA ILE B 8 25.04 3.58 -14.13
C ILE B 8 25.63 3.90 -12.78
N GLY B 9 26.79 3.31 -12.47
CA GLY B 9 27.40 3.46 -11.17
C GLY B 9 27.03 2.23 -10.33
N ALA B 10 28.02 1.37 -10.09
CA ALA B 10 27.76 0.08 -9.45
C ALA B 10 28.22 0.04 -7.99
N GLY B 11 28.06 1.15 -7.28
CA GLY B 11 28.32 1.19 -5.85
C GLY B 11 27.15 0.63 -5.05
N PHE B 12 27.04 1.04 -3.80
CA PHE B 12 26.01 0.53 -2.92
C PHE B 12 24.59 0.81 -3.43
N VAL B 13 24.33 2.05 -3.84
CA VAL B 13 22.98 2.37 -4.29
C VAL B 13 22.67 1.63 -5.59
N GLY B 14 23.58 1.67 -6.55
CA GLY B 14 23.32 1.04 -7.83
C GLY B 14 23.13 -0.47 -7.73
N SER B 15 23.99 -1.13 -6.96
CA SER B 15 23.89 -2.57 -6.83
C SER B 15 22.64 -2.99 -6.02
N THR B 16 22.30 -2.23 -4.98
CA THR B 16 21.09 -2.56 -4.21
C THR B 16 19.83 -2.32 -5.06
N THR B 17 19.89 -1.34 -5.95
CA THR B 17 18.76 -1.11 -6.83
C THR B 17 18.58 -2.32 -7.76
N ALA B 18 19.70 -2.82 -8.30
CA ALA B 18 19.63 -4.04 -9.08
C ALA B 18 19.01 -5.21 -8.29
N HIS B 19 19.38 -5.35 -7.01
CA HIS B 19 18.77 -6.39 -6.15
C HIS B 19 17.23 -6.21 -6.05
N TRP B 20 16.78 -5.02 -5.68
CA TRP B 20 15.33 -4.84 -5.53
C TRP B 20 14.60 -5.17 -6.86
N LEU B 21 15.18 -4.77 -8.00
CA LEU B 21 14.54 -4.93 -9.30
C LEU B 21 14.56 -6.39 -9.76
N ALA B 22 15.69 -7.04 -9.57
CA ALA B 22 15.83 -8.45 -9.89
C ALA B 22 14.84 -9.32 -9.11
N ALA B 23 14.75 -9.07 -7.81
CA ALA B 23 13.84 -9.82 -6.96
C ALA B 23 12.40 -9.80 -7.47
N LYS B 24 12.04 -8.73 -8.17
CA LYS B 24 10.69 -8.58 -8.73
C LYS B 24 10.57 -8.97 -10.21
N GLU B 25 11.64 -9.54 -10.76
CA GLU B 25 11.68 -9.94 -12.16
C GLU B 25 11.25 -8.82 -13.09
N LEU B 26 11.65 -7.58 -12.79
CA LEU B 26 11.17 -6.43 -13.58
C LEU B 26 11.78 -6.26 -14.97
N GLY B 27 12.95 -6.87 -15.21
CA GLY B 27 13.52 -6.90 -16.54
C GLY B 27 14.99 -7.24 -16.46
N ASP B 28 15.63 -7.34 -17.61
CA ASP B 28 17.05 -7.64 -17.64
C ASP B 28 17.77 -6.36 -17.18
N ILE B 29 18.90 -6.52 -16.49
CA ILE B 29 19.56 -5.40 -15.81
C ILE B 29 21.01 -5.33 -16.25
N VAL B 30 21.42 -4.14 -16.65
CA VAL B 30 22.81 -3.92 -16.97
C VAL B 30 23.35 -2.98 -15.91
N LEU B 31 24.43 -3.40 -15.27
CA LEU B 31 25.11 -2.61 -14.27
C LEU B 31 26.43 -2.10 -14.88
N LEU B 32 26.55 -0.78 -14.98
CA LEU B 32 27.74 -0.24 -15.64
C LEU B 32 28.57 0.59 -14.69
N ASP B 33 29.89 0.45 -14.78
CA ASP B 33 30.77 1.30 -14.00
C ASP B 33 32.06 1.53 -14.74
N ILE B 34 32.79 2.57 -14.33
CA ILE B 34 34.10 2.81 -14.92
CA ILE B 34 34.10 2.82 -14.92
C ILE B 34 35.15 1.79 -14.45
N VAL B 35 35.02 1.31 -13.22
CA VAL B 35 36.00 0.39 -12.64
C VAL B 35 35.83 -1.01 -13.22
N GLU B 36 36.91 -1.62 -13.67
CA GLU B 36 36.82 -2.97 -14.21
C GLU B 36 36.61 -3.99 -13.10
N GLY B 37 35.80 -4.99 -13.40
CA GLY B 37 35.64 -6.11 -12.50
C GLY B 37 34.48 -5.92 -11.56
N VAL B 38 34.39 -4.75 -10.93
CA VAL B 38 33.38 -4.53 -9.90
C VAL B 38 31.92 -4.73 -10.38
N PRO B 39 31.52 -4.10 -11.50
CA PRO B 39 30.14 -4.38 -11.89
C PRO B 39 29.94 -5.81 -12.37
N GLN B 40 30.96 -6.38 -13.01
CA GLN B 40 30.89 -7.77 -13.46
C GLN B 40 30.64 -8.70 -12.30
N GLY B 41 31.34 -8.46 -11.19
CA GLY B 41 31.30 -9.32 -10.01
C GLY B 41 29.98 -9.25 -9.28
N LYS B 42 29.50 -8.03 -9.04
CA LYS B 42 28.24 -7.85 -8.33
C LYS B 42 27.08 -8.41 -9.16
N ALA B 43 27.14 -8.17 -10.47
CA ALA B 43 26.12 -8.68 -11.36
C ALA B 43 26.06 -10.22 -11.37
N LEU B 44 27.21 -10.88 -11.47
CA LEU B 44 27.23 -12.32 -11.55
C LEU B 44 26.77 -12.94 -10.23
N ASP B 45 27.14 -12.28 -9.15
CA ASP B 45 26.80 -12.72 -7.80
C ASP B 45 25.27 -12.69 -7.63
N LEU B 46 24.66 -11.58 -8.03
CA LEU B 46 23.21 -11.44 -8.01
C LEU B 46 22.52 -12.47 -8.92
N TYR B 47 23.06 -12.67 -10.11
CA TYR B 47 22.51 -13.64 -11.06
C TYR B 47 22.54 -15.04 -10.40
N GLU B 48 23.61 -15.35 -9.67
CA GLU B 48 23.76 -16.68 -9.07
C GLU B 48 22.78 -16.90 -7.91
N ALA B 49 22.11 -15.83 -7.49
CA ALA B 49 21.04 -15.96 -6.48
C ALA B 49 19.72 -16.39 -7.13
N SER B 50 19.65 -16.27 -8.45
CA SER B 50 18.36 -16.43 -9.13
C SER B 50 17.69 -17.81 -9.00
N PRO B 51 18.45 -18.92 -8.95
CA PRO B 51 17.70 -20.16 -8.80
C PRO B 51 17.09 -20.29 -7.41
N ILE B 52 17.71 -19.63 -6.44
CA ILE B 52 17.23 -19.69 -5.06
C ILE B 52 15.97 -18.84 -4.94
N GLU B 53 15.98 -17.68 -5.58
CA GLU B 53 14.91 -16.68 -5.42
C GLU B 53 13.81 -16.79 -6.47
N GLY B 54 14.10 -17.49 -7.56
CA GLY B 54 13.06 -17.83 -8.51
C GLY B 54 12.74 -16.77 -9.54
N PHE B 55 13.72 -15.93 -9.87
CA PHE B 55 13.51 -14.92 -10.90
C PHE B 55 14.33 -15.22 -12.13
N ASP B 56 13.73 -15.01 -13.30
CA ASP B 56 14.44 -15.16 -14.57
C ASP B 56 14.76 -13.78 -15.12
N VAL B 57 15.91 -13.25 -14.74
CA VAL B 57 16.42 -11.97 -15.19
CA VAL B 57 16.41 -12.05 -15.39
C VAL B 57 17.91 -12.12 -15.57
N ARG B 58 18.31 -11.60 -16.71
CA ARG B 58 19.74 -11.50 -16.98
C ARG B 58 20.27 -10.29 -16.22
N VAL B 59 21.25 -10.51 -15.34
CA VAL B 59 21.95 -9.43 -14.66
C VAL B 59 23.38 -9.47 -15.15
N THR B 60 23.79 -8.42 -15.85
CA THR B 60 25.16 -8.40 -16.34
C THR B 60 25.87 -7.12 -15.95
N GLY B 61 27.18 -7.20 -15.77
CA GLY B 61 27.95 -6.02 -15.45
C GLY B 61 28.86 -5.68 -16.62
N THR B 62 29.14 -4.39 -16.79
CA THR B 62 29.87 -3.97 -17.97
C THR B 62 30.62 -2.66 -17.73
N ASN B 63 31.61 -2.40 -18.58
CA ASN B 63 32.29 -1.12 -18.60
C ASN B 63 32.03 -0.39 -19.93
N ASN B 64 31.13 -0.95 -20.73
CA ASN B 64 30.90 -0.49 -22.09
C ASN B 64 29.48 0.05 -22.28
N TYR B 65 29.34 1.35 -22.57
CA TYR B 65 28.00 1.93 -22.75
C TYR B 65 27.21 1.24 -23.88
N ALA B 66 27.90 0.56 -24.80
CA ALA B 66 27.21 -0.11 -25.91
C ALA B 66 26.23 -1.18 -25.40
N ASP B 67 26.56 -1.75 -24.25
CA ASP B 67 25.74 -2.76 -23.62
C ASP B 67 24.48 -2.20 -22.97
N THR B 68 24.36 -0.88 -22.90
CA THR B 68 23.16 -0.24 -22.34
C THR B 68 22.11 0.09 -23.38
N ALA B 69 22.38 -0.22 -24.64
CA ALA B 69 21.52 0.22 -25.74
C ALA B 69 20.08 -0.32 -25.62
N ASN B 70 19.14 0.54 -26.00
CA ASN B 70 17.72 0.15 -26.05
C ASN B 70 17.14 -0.14 -24.68
N SER B 71 17.61 0.58 -23.67
CA SER B 71 17.04 0.45 -22.33
C SER B 71 15.73 1.19 -22.22
N ASP B 72 14.83 0.62 -21.42
CA ASP B 72 13.55 1.25 -21.11
C ASP B 72 13.67 2.29 -20.01
N VAL B 73 14.54 2.01 -19.04
CA VAL B 73 14.88 2.97 -17.99
C VAL B 73 16.40 3.01 -17.80
N ILE B 74 16.95 4.20 -17.60
CA ILE B 74 18.35 4.40 -17.23
C ILE B 74 18.38 5.03 -15.83
N VAL B 75 19.04 4.38 -14.86
CA VAL B 75 19.23 4.95 -13.53
C VAL B 75 20.66 5.44 -13.39
N VAL B 76 20.87 6.70 -12.96
CA VAL B 76 22.25 7.20 -12.76
C VAL B 76 22.57 7.51 -11.29
N THR B 77 23.51 6.75 -10.71
CA THR B 77 23.95 6.96 -9.33
C THR B 77 25.35 7.59 -9.21
N SER B 78 26.04 7.69 -10.33
CA SER B 78 27.44 8.14 -10.36
C SER B 78 27.57 9.59 -9.91
N GLY B 79 28.61 9.89 -9.16
CA GLY B 79 28.83 11.25 -8.70
C GLY B 79 30.04 11.31 -7.81
N ALA B 80 30.22 12.45 -7.15
CA ALA B 80 31.39 12.64 -6.32
C ALA B 80 30.99 13.29 -4.99
N PRO B 81 31.39 12.68 -3.85
CA PRO B 81 31.17 13.31 -2.55
C PRO B 81 32.10 14.52 -2.44
N ARG B 82 31.89 15.40 -1.47
CA ARG B 82 32.66 16.63 -1.45
C ARG B 82 33.97 16.60 -0.66
N LYS B 83 33.90 16.26 0.63
CA LYS B 83 35.10 16.23 1.50
C LYS B 83 35.68 17.66 1.71
N PRO B 84 36.82 17.80 2.43
CA PRO B 84 37.11 19.21 2.75
C PRO B 84 37.88 19.97 1.66
N GLY B 85 37.77 21.29 1.68
CA GLY B 85 38.53 22.14 0.78
C GLY B 85 37.76 22.55 -0.45
N MET B 86 36.83 21.70 -0.87
CA MET B 86 36.01 22.00 -2.03
C MET B 86 35.02 23.13 -1.73
N SER B 87 34.81 23.99 -2.71
CA SER B 87 33.77 25.01 -2.62
C SER B 87 32.47 24.45 -3.15
N ARG B 88 31.40 25.23 -3.04
CA ARG B 88 30.10 24.86 -3.58
C ARG B 88 30.22 24.64 -5.08
N GLU B 89 30.83 25.59 -5.78
CA GLU B 89 30.93 25.48 -7.23
C GLU B 89 31.81 24.28 -7.61
N ASP B 90 32.82 23.99 -6.80
CA ASP B 90 33.69 22.86 -7.10
C ASP B 90 32.92 21.56 -7.06
N LEU B 91 32.02 21.44 -6.08
CA LEU B 91 31.25 20.23 -5.91
C LEU B 91 30.25 20.11 -7.05
N ILE B 92 29.67 21.24 -7.43
CA ILE B 92 28.72 21.25 -8.53
C ILE B 92 29.46 20.88 -9.82
N LYS B 93 30.66 21.41 -9.98
CA LYS B 93 31.44 21.18 -11.20
C LYS B 93 31.82 19.72 -11.42
N VAL B 94 32.27 19.06 -10.37
CA VAL B 94 32.75 17.69 -10.55
C VAL B 94 31.58 16.77 -10.82
N ASN B 95 30.46 17.01 -10.16
CA ASN B 95 29.26 16.21 -10.43
C ASN B 95 28.66 16.50 -11.80
N ALA B 96 28.67 17.77 -12.21
CA ALA B 96 28.24 18.12 -13.55
C ALA B 96 29.05 17.39 -14.62
N ASP B 97 30.37 17.30 -14.41
CA ASP B 97 31.24 16.65 -15.40
C ASP B 97 30.90 15.16 -15.50
N ILE B 98 30.69 14.54 -14.35
CA ILE B 98 30.34 13.12 -14.25
C ILE B 98 28.99 12.89 -14.92
N THR B 99 28.05 13.78 -14.66
CA THR B 99 26.70 13.63 -15.19
C THR B 99 26.65 13.78 -16.71
N ARG B 100 27.35 14.79 -17.22
CA ARG B 100 27.48 15.00 -18.66
C ARG B 100 28.09 13.80 -19.35
N ALA B 101 29.17 13.29 -18.78
CA ALA B 101 29.82 12.13 -19.35
C ALA B 101 28.89 10.90 -19.40
N CYS B 102 28.12 10.67 -18.34
CA CYS B 102 27.20 9.53 -18.31
CA CYS B 102 27.22 9.53 -18.34
C CYS B 102 26.06 9.69 -19.33
N ILE B 103 25.39 10.82 -19.27
CA ILE B 103 24.21 11.03 -20.13
C ILE B 103 24.55 11.15 -21.60
N SER B 104 25.66 11.82 -21.91
CA SER B 104 26.05 11.99 -23.32
C SER B 104 26.38 10.66 -23.99
N GLN B 105 26.79 9.68 -23.19
CA GLN B 105 27.12 8.37 -23.75
C GLN B 105 25.88 7.46 -23.79
N ALA B 106 25.12 7.46 -22.69
CA ALA B 106 23.94 6.59 -22.54
C ALA B 106 22.70 7.01 -23.32
N ALA B 107 22.37 8.30 -23.30
CA ALA B 107 21.10 8.74 -23.87
C ALA B 107 20.91 8.49 -25.39
N PRO B 108 21.91 8.78 -26.21
CA PRO B 108 21.70 8.49 -27.64
C PRO B 108 21.48 6.99 -27.95
N LEU B 109 21.92 6.09 -27.06
CA LEU B 109 21.75 4.65 -27.29
C LEU B 109 20.38 4.12 -26.84
N SER B 110 19.69 4.91 -26.03
CA SER B 110 18.37 4.53 -25.54
C SER B 110 17.42 5.71 -25.69
N PRO B 111 17.13 6.08 -26.93
CA PRO B 111 16.35 7.30 -27.17
C PRO B 111 14.92 7.29 -26.62
N ASN B 112 14.40 6.12 -26.24
CA ASN B 112 13.05 6.04 -25.69
C ASN B 112 12.99 5.91 -24.19
N ALA B 113 14.15 5.99 -23.54
CA ALA B 113 14.22 5.67 -22.12
C ALA B 113 13.63 6.77 -21.25
N VAL B 114 13.26 6.40 -20.03
CA VAL B 114 13.09 7.37 -18.96
C VAL B 114 14.39 7.36 -18.17
N ILE B 115 14.92 8.54 -17.88
CA ILE B 115 16.16 8.68 -17.14
C ILE B 115 15.77 9.07 -15.73
N ILE B 116 16.32 8.32 -14.78
CA ILE B 116 16.10 8.60 -13.36
C ILE B 116 17.44 8.89 -12.69
N MET B 117 17.63 10.14 -12.29
CA MET B 117 18.85 10.56 -11.59
C MET B 117 18.76 10.30 -10.09
N VAL B 118 19.86 9.86 -9.51
CA VAL B 118 19.96 9.72 -8.05
CA VAL B 118 19.98 9.64 -8.07
C VAL B 118 21.39 10.07 -7.62
N ASN B 119 21.79 11.26 -8.02
CA ASN B 119 23.09 11.79 -7.58
C ASN B 119 22.91 13.20 -7.01
N ASN B 120 23.99 13.93 -6.73
CA ASN B 120 23.88 15.18 -6.01
C ASN B 120 24.70 16.26 -6.68
N PRO B 121 24.25 17.49 -6.66
CA PRO B 121 22.96 17.98 -6.16
C PRO B 121 21.82 17.55 -7.08
N LEU B 122 20.80 16.89 -6.52
CA LEU B 122 19.86 16.11 -7.34
C LEU B 122 19.08 16.92 -8.39
N ASP B 123 18.48 18.03 -7.97
CA ASP B 123 17.70 18.84 -8.92
C ASP B 123 18.54 19.42 -10.05
N ALA B 124 19.68 20.01 -9.71
CA ALA B 124 20.61 20.50 -10.72
C ALA B 124 21.15 19.44 -11.68
N MET B 125 21.51 18.28 -11.16
CA MET B 125 22.00 17.21 -12.06
C MET B 125 20.88 16.70 -12.97
N THR B 126 19.64 16.68 -12.47
CA THR B 126 18.51 16.25 -13.29
C THR B 126 18.29 17.29 -14.39
N TYR B 127 18.41 18.57 -14.04
CA TYR B 127 18.31 19.64 -15.04
C TYR B 127 19.37 19.48 -16.11
N LEU B 128 20.61 19.22 -15.69
CA LEU B 128 21.69 18.93 -16.62
C LEU B 128 21.39 17.69 -17.51
N ALA B 129 20.90 16.60 -16.92
CA ALA B 129 20.64 15.39 -17.71
C ALA B 129 19.58 15.68 -18.79
N ALA B 130 18.60 16.50 -18.45
CA ALA B 130 17.59 16.90 -19.43
C ALA B 130 18.24 17.70 -20.57
N GLU B 131 19.09 18.66 -20.25
CA GLU B 131 19.79 19.41 -21.30
C GLU B 131 20.65 18.51 -22.18
N VAL B 132 21.39 17.61 -21.55
CA VAL B 132 22.37 16.82 -22.29
C VAL B 132 21.71 15.76 -23.19
N SER B 133 20.64 15.14 -22.68
CA SER B 133 19.91 14.12 -23.43
C SER B 133 19.04 14.72 -24.51
N GLY B 134 18.52 15.92 -24.24
CA GLY B 134 17.50 16.51 -25.10
C GLY B 134 16.18 15.75 -25.10
N PHE B 135 15.96 14.89 -24.12
CA PHE B 135 14.71 14.12 -24.05
C PHE B 135 13.57 15.07 -23.70
N PRO B 136 12.32 14.70 -24.05
CA PRO B 136 11.17 15.38 -23.45
C PRO B 136 11.33 15.41 -21.93
N LYS B 137 11.07 16.54 -21.29
CA LYS B 137 11.37 16.71 -19.87
C LYS B 137 10.60 15.75 -19.00
N GLU B 138 9.42 15.35 -19.44
CA GLU B 138 8.65 14.37 -18.69
C GLU B 138 9.41 13.06 -18.49
N ARG B 139 10.36 12.79 -19.37
CA ARG B 139 11.13 11.54 -19.36
C ARG B 139 12.50 11.67 -18.68
N VAL B 140 12.76 12.80 -18.04
CA VAL B 140 13.99 12.96 -17.25
C VAL B 140 13.61 13.44 -15.86
N ILE B 141 13.82 12.57 -14.87
CA ILE B 141 13.40 12.87 -13.49
C ILE B 141 14.47 12.49 -12.50
N GLY B 142 14.25 12.89 -11.24
CA GLY B 142 15.17 12.56 -10.16
C GLY B 142 14.47 11.96 -8.96
N GLN B 143 15.16 11.03 -8.30
CA GLN B 143 14.65 10.43 -7.08
C GLN B 143 15.17 11.23 -5.89
N ALA B 144 14.24 11.79 -5.10
CA ALA B 144 14.61 12.37 -3.82
C ALA B 144 13.47 12.24 -2.83
N GLY B 145 12.28 12.64 -3.28
CA GLY B 145 11.15 12.70 -2.39
C GLY B 145 10.66 11.36 -1.89
N VAL B 146 10.70 10.34 -2.75
CA VAL B 146 10.21 9.02 -2.33
C VAL B 146 11.03 8.51 -1.12
N LEU B 147 12.32 8.79 -1.11
CA LEU B 147 13.16 8.43 0.03
C LEU B 147 12.78 9.20 1.29
N ASP B 148 12.67 10.53 1.19
CA ASP B 148 12.36 11.32 2.39
C ASP B 148 10.99 10.95 2.91
N ALA B 149 10.04 10.77 1.99
CA ALA B 149 8.68 10.36 2.40
C ALA B 149 8.68 8.98 3.06
N ALA B 150 9.55 8.08 2.58
CA ALA B 150 9.67 6.74 3.16
C ALA B 150 10.21 6.81 4.58
N ARG B 151 11.20 7.67 4.81
CA ARG B 151 11.74 7.80 6.16
C ARG B 151 10.66 8.34 7.06
N TYR B 152 9.99 9.42 6.62
CA TYR B 152 8.90 10.02 7.38
C TYR B 152 7.83 8.99 7.68
N ARG B 153 7.43 8.21 6.68
CA ARG B 153 6.38 7.20 6.86
C ARG B 153 6.82 6.14 7.88
N THR B 154 8.09 5.73 7.84
CA THR B 154 8.63 4.79 8.82
C THR B 154 8.49 5.35 10.24
N PHE B 155 8.87 6.62 10.42
CA PHE B 155 8.87 7.25 11.74
C PHE B 155 7.44 7.36 12.26
N ILE B 156 6.50 7.69 11.37
CA ILE B 156 5.10 7.79 11.73
CA ILE B 156 5.08 7.79 11.70
C ILE B 156 4.55 6.42 12.14
N ALA B 157 4.84 5.39 11.33
CA ALA B 157 4.35 4.03 11.60
C ALA B 157 4.91 3.56 12.95
N MET B 158 6.17 3.87 13.18
CA MET B 158 6.86 3.54 14.44
CA MET B 158 6.78 3.44 14.44
C MET B 158 6.15 4.15 15.65
N GLU B 159 5.91 5.45 15.56
CA GLU B 159 5.34 6.20 16.67
C GLU B 159 3.86 5.83 16.89
N ALA B 160 3.10 5.79 15.81
CA ALA B 160 1.67 5.51 15.93
C ALA B 160 1.39 4.05 16.28
N GLY B 161 2.38 3.19 16.05
CA GLY B 161 2.23 1.75 16.33
C GLY B 161 1.35 1.08 15.29
N VAL B 162 1.51 1.46 14.03
CA VAL B 162 0.65 0.91 12.97
C VAL B 162 1.47 0.36 11.79
N SER B 163 0.81 -0.38 10.90
CA SER B 163 1.49 -0.95 9.74
C SER B 163 2.05 0.15 8.83
N VAL B 164 3.28 -0.08 8.34
CA VAL B 164 3.83 0.79 7.32
C VAL B 164 3.04 0.77 6.03
N GLU B 165 2.23 -0.26 5.83
CA GLU B 165 1.36 -0.34 4.65
C GLU B 165 0.20 0.63 4.64
N ASP B 166 -0.07 1.22 5.79
CA ASP B 166 -1.22 2.09 6.00
C ASP B 166 -0.85 3.55 6.13
N VAL B 167 0.44 3.86 6.04
CA VAL B 167 0.88 5.26 6.14
C VAL B 167 1.28 5.82 4.78
N GLN B 168 0.73 6.97 4.42
CA GLN B 168 1.02 7.62 3.14
CA GLN B 168 1.10 7.59 3.16
C GLN B 168 1.36 9.09 3.40
N ALA B 169 2.22 9.68 2.59
CA ALA B 169 2.65 11.07 2.84
C ALA B 169 3.18 11.72 1.58
N MET B 170 2.87 13.00 1.40
CA MET B 170 3.44 13.78 0.31
C MET B 170 4.35 14.85 0.91
N LEU B 171 5.42 15.17 0.20
CA LEU B 171 6.26 16.29 0.60
C LEU B 171 6.85 16.87 -0.68
N MET B 172 7.68 17.89 -0.56
CA MET B 172 8.20 18.56 -1.76
C MET B 172 9.65 18.98 -1.55
N GLY B 173 10.25 19.59 -2.57
CA GLY B 173 11.59 20.12 -2.44
C GLY B 173 12.69 19.09 -2.58
N GLY B 174 13.82 19.37 -1.93
CA GLY B 174 14.97 18.47 -1.93
C GLY B 174 15.20 17.77 -0.61
N HIS B 175 16.46 17.56 -0.26
CA HIS B 175 16.79 16.92 1.01
C HIS B 175 17.19 17.93 2.06
N GLY B 176 17.17 17.50 3.33
CA GLY B 176 17.62 18.33 4.46
C GLY B 176 17.00 19.70 4.52
N ASP B 177 17.84 20.73 4.47
CA ASP B 177 17.31 22.11 4.57
C ASP B 177 16.41 22.49 3.41
N GLU B 178 16.59 21.85 2.26
CA GLU B 178 15.77 22.11 1.09
C GLU B 178 14.48 21.29 1.01
N MET B 179 14.32 20.34 1.93
CA MET B 179 13.07 19.57 2.04
C MET B 179 11.95 20.53 2.39
N VAL B 180 10.77 20.29 1.82
CA VAL B 180 9.57 21.05 2.17
C VAL B 180 8.59 20.06 2.78
N PRO B 181 8.63 19.96 4.12
CA PRO B 181 7.74 18.99 4.77
C PRO B 181 6.28 19.42 4.67
N LEU B 182 5.37 18.46 4.56
CA LEU B 182 3.93 18.77 4.48
C LEU B 182 3.12 17.76 5.30
N PRO B 183 3.26 17.80 6.63
CA PRO B 183 2.57 16.82 7.47
C PRO B 183 1.04 16.87 7.32
N ARG B 184 0.48 18.02 6.96
CA ARG B 184 -0.96 18.13 6.66
C ARG B 184 -1.38 17.14 5.57
N PHE B 185 -0.46 16.85 4.67
CA PHE B 185 -0.72 15.94 3.54
C PHE B 185 -0.15 14.54 3.83
N SER B 186 -0.48 14.01 5.01
CA SER B 186 -0.11 12.64 5.35
C SER B 186 -1.21 12.03 6.18
N THR B 187 -1.44 10.74 5.96
CA THR B 187 -2.58 10.07 6.55
C THR B 187 -2.27 8.61 6.87
N ILE B 188 -3.03 8.07 7.82
CA ILE B 188 -3.04 6.64 8.14
C ILE B 188 -4.43 6.09 7.79
N SER B 189 -4.51 5.26 6.76
CA SER B 189 -5.77 4.76 6.19
C SER B 189 -6.80 5.89 6.03
N GLY B 190 -6.34 7.03 5.50
CA GLY B 190 -7.26 8.15 5.24
C GLY B 190 -7.40 9.17 6.36
N ILE B 191 -6.84 8.86 7.53
CA ILE B 191 -7.00 9.69 8.72
C ILE B 191 -5.76 10.56 8.90
N PRO B 192 -5.92 11.89 9.06
CA PRO B 192 -4.75 12.76 9.26
C PRO B 192 -3.77 12.25 10.30
N VAL B 193 -2.49 12.26 9.97
CA VAL B 193 -1.42 11.87 10.90
C VAL B 193 -1.50 12.68 12.18
N SER B 194 -1.91 13.93 12.07
CA SER B 194 -1.98 14.79 13.23
C SER B 194 -3.03 14.34 14.25
N GLU B 195 -3.93 13.43 13.87
CA GLU B 195 -4.87 12.86 14.84
C GLU B 195 -4.20 11.80 15.71
N PHE B 196 -3.11 11.21 15.21
CA PHE B 196 -2.36 10.19 15.94
C PHE B 196 -1.19 10.78 16.69
N ILE B 197 -0.56 11.79 16.11
CA ILE B 197 0.66 12.32 16.70
C ILE B 197 0.53 13.81 16.96
N ALA B 198 0.76 14.19 18.21
CA ALA B 198 0.67 15.58 18.66
C ALA B 198 1.74 16.51 18.05
N PRO B 199 1.47 17.82 18.05
CA PRO B 199 2.34 18.75 17.31
C PRO B 199 3.84 18.71 17.71
N ASP B 200 4.18 18.63 18.99
CA ASP B 200 5.60 18.70 19.37
C ASP B 200 6.34 17.48 18.85
N ARG B 201 5.75 16.32 19.00
CA ARG B 201 6.37 15.09 18.54
C ARG B 201 6.41 15.04 17.02
N LEU B 202 5.34 15.51 16.37
CA LEU B 202 5.30 15.55 14.91
C LEU B 202 6.42 16.47 14.37
N ALA B 203 6.64 17.61 15.02
CA ALA B 203 7.75 18.48 14.65
C ALA B 203 9.10 17.74 14.78
N GLN B 204 9.26 16.94 15.82
CA GLN B 204 10.50 16.18 15.99
C GLN B 204 10.70 15.18 14.85
N ILE B 205 9.60 14.56 14.42
CA ILE B 205 9.64 13.59 13.35
C ILE B 205 9.96 14.28 12.04
N VAL B 206 9.40 15.47 11.84
CA VAL B 206 9.72 16.25 10.63
C VAL B 206 11.20 16.58 10.60
N GLU B 207 11.75 17.00 11.73
CA GLU B 207 13.19 17.29 11.80
C GLU B 207 14.04 16.04 11.57
N ARG B 208 13.58 14.90 12.08
CA ARG B 208 14.34 13.67 11.92
C ARG B 208 14.38 13.27 10.45
N THR B 209 13.28 13.56 9.75
CA THR B 209 13.17 13.33 8.30
C THR B 209 14.18 14.22 7.57
N ARG B 210 14.23 15.50 7.95
CA ARG B 210 15.23 16.40 7.38
C ARG B 210 16.63 15.83 7.51
N LYS B 211 16.95 15.32 8.71
CA LYS B 211 18.30 14.88 9.03
C LYS B 211 18.54 13.40 8.71
N GLY B 212 17.57 12.76 8.05
CA GLY B 212 17.53 11.31 7.97
C GLY B 212 18.72 10.65 7.27
N GLY B 213 19.22 11.29 6.23
CA GLY B 213 20.40 10.80 5.51
C GLY B 213 21.66 10.91 6.35
N GLY B 214 21.82 12.03 7.05
CA GLY B 214 22.98 12.24 7.90
C GLY B 214 22.93 11.34 9.11
N GLU B 215 21.73 11.00 9.55
CA GLU B 215 21.57 10.03 10.64
C GLU B 215 22.26 8.70 10.32
N ILE B 216 22.02 8.22 9.11
CA ILE B 216 22.58 6.97 8.65
C ILE B 216 24.09 7.11 8.46
N VAL B 217 24.51 8.21 7.83
CA VAL B 217 25.95 8.48 7.67
C VAL B 217 26.70 8.45 9.00
N ASN B 218 26.11 9.07 10.01
CA ASN B 218 26.74 9.11 11.33
C ASN B 218 26.90 7.73 11.99
N LEU B 219 25.94 6.84 11.74
CA LEU B 219 25.97 5.48 12.25
C LEU B 219 26.96 4.60 11.48
N LEU B 220 26.93 4.69 10.14
CA LEU B 220 27.80 3.86 9.30
C LEU B 220 29.28 4.17 9.41
N LYS B 221 29.60 5.43 9.74
CA LYS B 221 30.97 5.93 9.87
C LYS B 221 31.62 6.22 8.52
N THR B 222 31.63 5.22 7.65
CA THR B 222 32.01 5.41 6.26
C THR B 222 30.80 5.12 5.38
N GLY B 223 30.55 5.94 4.37
CA GLY B 223 29.47 5.67 3.43
C GLY B 223 28.13 6.27 3.80
N SER B 224 27.17 6.12 2.88
CA SER B 224 25.83 6.68 3.07
CA SER B 224 25.84 6.68 3.06
C SER B 224 24.77 5.60 3.01
N ALA B 225 23.51 5.99 3.18
CA ALA B 225 22.39 5.04 3.10
C ALA B 225 22.32 4.41 1.71
N TYR B 226 21.78 3.18 1.62
CA TYR B 226 21.57 2.57 0.31
C TYR B 226 20.33 1.71 0.23
N TYR B 227 19.94 1.07 1.32
CA TYR B 227 18.76 0.17 1.22
C TYR B 227 17.49 0.92 0.87
N ALA B 228 17.22 2.00 1.60
CA ALA B 228 16.04 2.81 1.30
C ALA B 228 16.15 3.68 0.05
N PRO B 229 17.32 4.33 -0.19
CA PRO B 229 17.48 5.06 -1.46
C PRO B 229 17.25 4.15 -2.69
N ALA B 230 17.80 2.94 -2.64
CA ALA B 230 17.65 1.97 -3.73
C ALA B 230 16.19 1.52 -3.83
N ALA B 231 15.54 1.30 -2.69
CA ALA B 231 14.11 0.93 -2.75
C ALA B 231 13.27 2.00 -3.40
N ALA B 232 13.54 3.26 -3.04
CA ALA B 232 12.82 4.40 -3.63
C ALA B 232 13.04 4.45 -5.13
N THR B 233 14.31 4.32 -5.54
CA THR B 233 14.67 4.37 -6.96
C THR B 233 13.96 3.22 -7.69
N ALA B 234 13.98 2.04 -7.10
CA ALA B 234 13.41 0.86 -7.75
C ALA B 234 11.88 1.01 -7.87
N GLN B 235 11.25 1.67 -6.91
CA GLN B 235 9.79 1.84 -6.96
C GLN B 235 9.45 2.77 -8.11
N MET B 236 10.29 3.77 -8.32
CA MET B 236 10.15 4.64 -9.48
C MET B 236 10.34 3.90 -10.81
N VAL B 237 11.40 3.10 -10.89
CA VAL B 237 11.61 2.28 -12.09
C VAL B 237 10.36 1.41 -12.35
N GLU B 238 9.86 0.77 -11.31
CA GLU B 238 8.65 -0.06 -11.45
C GLU B 238 7.45 0.72 -11.98
N ALA B 239 7.27 1.94 -11.50
CA ALA B 239 6.15 2.76 -11.91
C ALA B 239 6.18 3.00 -13.41
N VAL B 240 7.38 3.26 -13.92
CA VAL B 240 7.56 3.46 -15.37
C VAL B 240 7.33 2.15 -16.13
N LEU B 241 8.01 1.09 -15.73
CA LEU B 241 7.95 -0.18 -16.45
C LEU B 241 6.55 -0.79 -16.54
N LYS B 242 5.76 -0.59 -15.48
CA LYS B 242 4.44 -1.19 -15.41
C LYS B 242 3.33 -0.18 -15.61
N ASP B 243 3.70 1.07 -15.93
CA ASP B 243 2.75 2.16 -16.09
C ASP B 243 1.76 2.26 -14.92
N LYS B 244 2.30 2.30 -13.70
CA LYS B 244 1.45 2.18 -12.51
C LYS B 244 0.70 3.46 -12.11
N LYS B 245 1.16 4.60 -12.60
CA LYS B 245 0.57 5.90 -12.28
C LYS B 245 0.65 6.16 -10.77
N ARG B 246 1.85 5.95 -10.21
CA ARG B 246 2.06 6.18 -8.79
C ARG B 246 2.01 7.69 -8.54
N VAL B 247 1.48 8.05 -7.39
CA VAL B 247 1.51 9.45 -6.98
C VAL B 247 2.68 9.59 -6.00
N MET B 248 3.70 10.34 -6.41
CA MET B 248 4.99 10.41 -5.69
C MET B 248 5.57 11.78 -5.79
N PRO B 249 6.35 12.20 -4.79
CA PRO B 249 7.18 13.40 -4.97
C PRO B 249 8.44 13.02 -5.75
N VAL B 250 8.69 13.74 -6.83
CA VAL B 250 9.75 13.45 -7.77
C VAL B 250 10.37 14.79 -8.22
N ALA B 251 11.66 14.80 -8.53
CA ALA B 251 12.28 16.00 -9.11
C ALA B 251 11.83 16.11 -10.57
N ALA B 252 11.01 17.13 -10.86
CA ALA B 252 10.43 17.31 -12.19
C ALA B 252 10.65 18.69 -12.72
N TYR B 253 10.54 18.85 -14.05
CA TYR B 253 10.73 20.13 -14.70
C TYR B 253 9.44 20.93 -14.66
N LEU B 254 9.52 22.14 -14.11
CA LEU B 254 8.33 22.95 -13.88
C LEU B 254 8.16 24.02 -14.94
N THR B 255 6.91 24.23 -15.34
CA THR B 255 6.56 25.25 -16.30
C THR B 255 5.43 26.13 -15.75
N GLY B 256 5.55 26.53 -14.49
CA GLY B 256 4.61 27.45 -13.88
C GLY B 256 3.91 26.91 -12.64
N GLN B 257 4.05 25.62 -12.42
CA GLN B 257 3.44 25.01 -11.24
C GLN B 257 4.10 25.57 -9.98
N TYR B 258 3.28 25.91 -8.99
CA TYR B 258 3.75 26.53 -7.76
C TYR B 258 4.45 27.84 -8.05
N GLY B 259 4.17 28.44 -9.21
CA GLY B 259 4.77 29.70 -9.61
C GLY B 259 6.22 29.62 -10.05
N LEU B 260 6.70 28.40 -10.27
CA LEU B 260 8.10 28.16 -10.65
C LEU B 260 8.29 27.79 -12.13
N ASN B 261 9.27 28.43 -12.76
CA ASN B 261 9.58 28.17 -14.16
C ASN B 261 11.06 27.85 -14.35
N ASP B 262 11.34 27.01 -15.34
CA ASP B 262 12.70 26.68 -15.76
C ASP B 262 13.55 26.20 -14.59
N ILE B 263 13.09 25.13 -13.96
CA ILE B 263 13.77 24.61 -12.78
C ILE B 263 13.31 23.17 -12.60
N TYR B 264 14.20 22.30 -12.12
CA TYR B 264 13.76 21.02 -11.58
C TYR B 264 13.58 21.17 -10.08
N PHE B 265 12.47 20.61 -9.59
CA PHE B 265 12.13 20.77 -8.18
C PHE B 265 11.25 19.60 -7.75
N GLY B 266 11.37 19.18 -6.49
CA GLY B 266 10.53 18.09 -6.00
C GLY B 266 9.07 18.46 -5.88
N VAL B 267 8.22 17.78 -6.65
CA VAL B 267 6.80 18.11 -6.67
C VAL B 267 5.99 16.82 -6.74
N PRO B 268 4.71 16.86 -6.35
CA PRO B 268 3.87 15.65 -6.50
C PRO B 268 3.57 15.36 -7.97
N VAL B 269 3.79 14.13 -8.40
CA VAL B 269 3.48 13.76 -9.79
C VAL B 269 2.72 12.47 -9.84
N ILE B 270 2.11 12.22 -11.00
CA ILE B 270 1.63 10.91 -11.38
C ILE B 270 2.73 10.35 -12.28
N LEU B 271 3.27 9.20 -11.90
CA LEU B 271 4.42 8.67 -12.61
C LEU B 271 4.07 7.35 -13.33
N GLY B 272 4.25 7.32 -14.66
CA GLY B 272 3.95 6.11 -15.39
C GLY B 272 4.92 5.92 -16.56
N ALA B 273 4.45 5.19 -17.56
CA ALA B 273 5.34 4.80 -18.65
C ALA B 273 5.77 6.01 -19.47
N GLY B 274 4.97 7.07 -19.42
CA GLY B 274 5.36 8.32 -20.05
C GLY B 274 6.30 9.17 -19.21
N GLY B 275 6.74 8.64 -18.07
CA GLY B 275 7.46 9.45 -17.11
C GLY B 275 6.48 10.27 -16.28
N VAL B 276 6.76 11.57 -16.13
CA VAL B 276 5.79 12.44 -15.44
C VAL B 276 4.54 12.59 -16.30
N GLU B 277 3.42 12.05 -15.83
CA GLU B 277 2.17 12.10 -16.60
C GLU B 277 1.26 13.20 -16.09
N LYS B 278 1.56 13.72 -14.91
CA LYS B 278 0.88 14.89 -14.40
C LYS B 278 1.68 15.50 -13.27
N ILE B 279 1.75 16.83 -13.22
CA ILE B 279 2.24 17.49 -12.01
C ILE B 279 1.04 17.98 -11.22
N LEU B 280 0.94 17.54 -9.99
CA LEU B 280 -0.22 17.90 -9.15
C LEU B 280 0.03 19.21 -8.44
N GLU B 281 -1.02 20.01 -8.27
CA GLU B 281 -0.91 21.33 -7.66
CA GLU B 281 -0.94 21.33 -7.68
C GLU B 281 -1.69 21.36 -6.36
N LEU B 282 -0.97 21.23 -5.27
CA LEU B 282 -1.59 21.21 -3.95
C LEU B 282 -1.98 22.61 -3.45
N PRO B 283 -3.07 22.70 -2.67
CA PRO B 283 -3.51 24.01 -2.16
C PRO B 283 -2.73 24.34 -0.90
N LEU B 284 -1.48 24.69 -1.09
CA LEU B 284 -0.59 24.99 0.03
C LEU B 284 -1.05 26.27 0.73
N ASN B 285 -0.99 26.28 2.06
CA ASN B 285 -1.25 27.49 2.81
C ASN B 285 -0.02 28.39 2.86
N GLU B 286 -0.16 29.55 3.50
CA GLU B 286 0.89 30.55 3.45
C GLU B 286 2.17 30.05 4.11
N GLU B 287 2.03 29.33 5.20
CA GLU B 287 3.20 28.79 5.91
C GLU B 287 3.91 27.74 5.05
N GLU B 288 3.13 26.85 4.44
CA GLU B 288 3.72 25.84 3.57
C GLU B 288 4.41 26.48 2.37
N MET B 289 3.73 27.46 1.77
CA MET B 289 4.26 28.15 0.61
C MET B 289 5.54 28.93 0.91
N ALA B 290 5.63 29.52 2.11
CA ALA B 290 6.88 30.16 2.54
C ALA B 290 8.04 29.16 2.59
N LEU B 291 7.77 27.93 3.03
CA LEU B 291 8.79 26.88 3.02
C LEU B 291 9.21 26.57 1.58
N LEU B 292 8.22 26.48 0.69
CA LEU B 292 8.50 26.14 -0.70
C LEU B 292 9.32 27.22 -1.37
N ASN B 293 8.91 28.48 -1.19
CA ASN B 293 9.61 29.59 -1.83
C ASN B 293 11.07 29.69 -1.36
N ALA B 294 11.32 29.39 -0.09
CA ALA B 294 12.67 29.47 0.44
C ALA B 294 13.52 28.34 -0.14
N SER B 295 12.93 27.15 -0.24
CA SER B 295 13.62 26.01 -0.83
C SER B 295 13.90 26.26 -2.31
N ALA B 296 12.93 26.79 -3.04
CA ALA B 296 13.10 27.08 -4.46
C ALA B 296 14.21 28.12 -4.71
N LYS B 297 14.35 29.10 -3.83
CA LYS B 297 15.43 30.08 -3.94
C LYS B 297 16.81 29.40 -3.82
N ALA B 298 16.93 28.48 -2.86
CA ALA B 298 18.15 27.70 -2.66
C ALA B 298 18.44 26.79 -3.87
N VAL B 299 17.42 26.11 -4.36
CA VAL B 299 17.55 25.26 -5.55
C VAL B 299 17.90 26.12 -6.77
N ARG B 300 17.28 27.27 -6.87
CA ARG B 300 17.63 28.20 -7.96
C ARG B 300 19.10 28.63 -7.90
N ALA B 301 19.60 28.86 -6.69
CA ALA B 301 20.97 29.32 -6.51
C ALA B 301 21.96 28.27 -7.03
N THR B 302 21.65 27.00 -6.78
CA THR B 302 22.49 25.91 -7.23
C THR B 302 22.43 25.84 -8.77
N LEU B 303 21.23 25.98 -9.30
CA LEU B 303 21.03 25.92 -10.73
C LEU B 303 21.75 27.07 -11.45
N ASP B 304 21.79 28.24 -10.83
CA ASP B 304 22.48 29.38 -11.43
C ASP B 304 24.00 29.15 -11.46
N THR B 305 24.52 28.52 -10.42
CA THR B 305 25.94 28.17 -10.39
C THR B 305 26.28 27.14 -11.48
N LEU B 306 25.40 26.16 -11.69
CA LEU B 306 25.56 25.17 -12.78
C LEU B 306 25.61 25.86 -14.13
N LYS B 307 24.67 26.79 -14.35
CA LYS B 307 24.60 27.51 -15.62
C LYS B 307 25.83 28.38 -15.90
N SER B 308 26.48 28.85 -14.83
CA SER B 308 27.63 29.73 -14.97
C SER B 308 28.95 29.00 -15.19
N LEU B 309 28.94 27.67 -15.06
CA LEU B 309 30.16 26.89 -15.22
C LEU B 309 30.78 27.10 -16.59
#